data_4KEC
#
_entry.id   4KEC
#
_cell.length_a   137.167
_cell.length_b   137.167
_cell.length_c   63.569
_cell.angle_alpha   90.00
_cell.angle_beta   90.00
_cell.angle_gamma   120.00
#
_symmetry.space_group_name_H-M   'P 65'
#
loop_
_entity.id
_entity.type
_entity.pdbx_description
1 polymer 'Hydroxycinnamoyl-CoA:shikimate hydroxycinnamoyl transferase'
2 non-polymer 'COENZYME A'
3 non-polymer '(3R,4S,5R)-3,4-dihydroxy-5-{[(2E)-3-(4-hydroxyphenyl)prop-2-enoyl]oxy}cyclohex-1-ene-1-carboxylic acid'
4 water water
#
_entity_poly.entity_id   1
_entity_poly.type   'polypeptide(L)'
_entity_poly.pdbx_seq_one_letter_code
;MKITVRGSEMVYPAAETPRRRLWNSGPDLVVPRFHTPSVYFFRRRDADGNDLTAADGSFFDGARMRRALAEALVPFYPMA
GRLARDEDGRVEIDCNAAGVLFQEADAPDATIDYFGDFAPTMELKRLIPTVDFSDDTAFPLLVLQVTHFKCGGVAIGVGM
QHHVADGFSGLHFINSWADLCRGVPIAVMPFIDRSLLRARDPPAPVYPHVEYQPAPAMLSSEPPQAALTAKPATPPAAVA
IFKLSRAELGRLRSQVPAREREGAPRFSTYAVLAAHVWRCASLARGLPADQPTKLYCATDGRQRLQPPLPEGYFGNVIFT
ATPLANAGTVTAGVAEGAAVIQAALDRMDDGYCRSALDYLELQPDLSALVRGAHTFRCPNLGLTSWVRLPIHDADFGWGR
PVFMGPGGIAYEGLAFVLPSANRDGSLSVAISLQAEHMEKFRKLIYDF
;
_entity_poly.pdbx_strand_id   A
#
# COMPACT_ATOMS: atom_id res chain seq x y z
N MET A 1 10.76 -9.61 -22.08
CA MET A 1 9.93 -8.59 -22.70
C MET A 1 10.69 -7.29 -22.96
N LYS A 2 10.77 -6.87 -24.22
CA LYS A 2 11.61 -5.72 -24.58
C LYS A 2 10.97 -4.37 -24.24
N ILE A 3 11.70 -3.59 -23.45
CA ILE A 3 11.26 -2.26 -23.02
C ILE A 3 12.42 -1.27 -23.15
N THR A 4 12.17 -0.15 -23.83
CA THR A 4 13.19 0.87 -23.96
C THR A 4 12.81 2.14 -23.23
N VAL A 5 13.80 2.76 -22.57
CA VAL A 5 13.60 4.07 -21.96
C VAL A 5 13.66 5.20 -23.01
N ARG A 6 12.50 5.68 -23.41
CA ARG A 6 12.41 6.81 -24.34
C ARG A 6 13.21 8.01 -23.80
N GLY A 7 13.10 8.27 -22.51
CA GLY A 7 13.84 9.34 -21.87
C GLY A 7 13.38 9.68 -20.46
N SER A 8 14.30 10.16 -19.64
CA SER A 8 14.01 10.46 -18.23
C SER A 8 14.57 11.81 -17.78
N GLU A 9 13.73 12.57 -17.08
CA GLU A 9 14.17 13.84 -16.53
C GLU A 9 13.59 14.10 -15.14
N MET A 10 14.48 14.44 -14.21
CA MET A 10 14.06 14.99 -12.93
C MET A 10 13.12 16.17 -13.12
N VAL A 11 11.92 16.09 -12.55
CA VAL A 11 10.95 17.18 -12.61
C VAL A 11 10.98 17.98 -11.31
N TYR A 12 10.73 19.28 -11.40
CA TYR A 12 10.90 20.18 -10.27
C TYR A 12 9.61 20.96 -10.01
N PRO A 13 9.40 21.41 -8.77
CA PRO A 13 8.14 22.10 -8.44
C PRO A 13 7.91 23.37 -9.28
N ALA A 14 6.67 23.60 -9.68
CA ALA A 14 6.35 24.71 -10.59
C ALA A 14 6.12 26.04 -9.87
N ALA A 15 6.88 26.27 -8.80
CA ALA A 15 6.84 27.54 -8.07
C ALA A 15 7.86 27.51 -6.95
N GLU A 16 7.77 28.50 -6.06
CA GLU A 16 8.63 28.51 -4.89
C GLU A 16 8.04 27.65 -3.77
N THR A 17 8.90 26.85 -3.15
CA THR A 17 8.47 25.98 -2.06
C THR A 17 9.44 26.10 -0.88
N PRO A 18 8.89 26.12 0.35
CA PRO A 18 9.75 26.26 1.53
C PRO A 18 10.89 25.23 1.55
N ARG A 19 12.08 25.66 1.96
CA ARG A 19 13.22 24.76 2.06
C ARG A 19 13.44 24.39 3.53
N ARG A 20 12.41 23.77 4.11
CA ARG A 20 12.39 23.42 5.52
C ARG A 20 12.77 21.97 5.76
N ARG A 21 12.90 21.61 7.03
CA ARG A 21 12.94 20.21 7.43
C ARG A 21 11.54 19.82 7.89
N LEU A 22 11.09 18.63 7.49
CA LEU A 22 9.78 18.15 7.93
C LEU A 22 9.95 17.08 9.00
N TRP A 23 9.34 17.31 10.15
CA TRP A 23 9.34 16.31 11.22
C TRP A 23 8.47 15.12 10.81
N ASN A 24 9.05 13.93 10.95
CA ASN A 24 8.34 12.69 10.69
C ASN A 24 7.84 12.08 12.00
N SER A 25 6.53 11.79 12.04
CA SER A 25 5.90 11.09 13.16
C SER A 25 6.43 9.66 13.34
N GLY A 26 6.07 9.04 14.47
CA GLY A 26 6.43 7.66 14.75
C GLY A 26 6.00 6.66 13.69
N PRO A 27 4.74 6.75 13.24
CA PRO A 27 4.21 5.88 12.16
C PRO A 27 4.94 6.05 10.84
N ASP A 28 5.25 7.30 10.47
CA ASP A 28 6.03 7.58 9.27
C ASP A 28 7.32 6.81 9.32
N LEU A 29 7.78 6.54 10.52
CA LEU A 29 9.12 6.00 10.68
C LEU A 29 9.21 4.50 10.93
N VAL A 30 8.08 3.79 10.93
CA VAL A 30 8.12 2.33 11.17
C VAL A 30 7.57 1.49 10.02
N VAL A 31 6.85 2.15 9.12
CA VAL A 31 6.47 1.57 7.83
C VAL A 31 7.73 1.11 7.07
N PRO A 32 7.58 0.18 6.11
CA PRO A 32 8.75 -0.42 5.46
C PRO A 32 9.63 0.61 4.74
N ARG A 33 10.92 0.29 4.59
CA ARG A 33 11.88 1.35 4.31
C ARG A 33 11.90 1.89 2.88
N PHE A 34 11.59 1.08 1.89
CA PHE A 34 11.83 1.58 0.55
C PHE A 34 10.63 2.28 -0.09
N HIS A 35 10.42 2.05 -1.36
CA HIS A 35 9.33 2.73 -2.05
C HIS A 35 8.14 1.80 -2.19
N THR A 36 6.96 2.38 -2.03
CA THR A 36 5.73 1.66 -2.32
C THR A 36 5.58 1.54 -3.83
N PRO A 37 5.69 0.32 -4.35
CA PRO A 37 5.45 0.00 -5.75
C PRO A 37 3.96 -0.12 -6.05
N SER A 38 3.51 0.74 -6.94
CA SER A 38 2.14 0.81 -7.39
C SER A 38 2.20 0.83 -8.94
N VAL A 39 1.19 0.30 -9.61
CA VAL A 39 1.17 0.26 -11.07
C VAL A 39 -0.24 0.43 -11.61
N TYR A 40 -0.43 1.38 -12.53
CA TYR A 40 -1.73 1.53 -13.19
C TYR A 40 -1.68 1.02 -14.64
N PHE A 41 -2.84 0.60 -15.15
CA PHE A 41 -2.96 0.19 -16.53
C PHE A 41 -4.16 0.89 -17.12
N PHE A 42 -3.96 1.45 -18.31
CA PHE A 42 -5.06 2.05 -19.07
C PHE A 42 -5.12 1.38 -20.43
N ARG A 43 -6.32 1.24 -20.97
CA ARG A 43 -6.47 0.73 -22.33
C ARG A 43 -6.81 1.88 -23.27
N ARG A 44 -6.39 1.75 -24.52
CA ARG A 44 -6.64 2.77 -25.53
C ARG A 44 -8.14 2.98 -25.76
N ARG A 45 -8.95 1.99 -25.39
CA ARG A 45 -10.37 1.99 -25.72
C ARG A 45 -11.26 1.45 -24.60
N ASP A 46 -12.52 1.19 -24.95
CA ASP A 46 -13.48 0.55 -24.05
C ASP A 46 -14.32 1.55 -23.23
N ALA A 47 -15.21 1.07 -22.36
CA ALA A 47 -15.47 -0.36 -22.15
C ALA A 47 -16.27 -0.97 -23.30
N ASP A 48 -17.06 -0.14 -23.96
CA ASP A 48 -17.86 -0.55 -25.11
C ASP A 48 -16.95 -0.79 -26.32
N GLY A 49 -15.89 -0.01 -26.40
CA GLY A 49 -14.96 -0.07 -27.51
C GLY A 49 -14.52 1.32 -27.90
N ASN A 50 -15.23 2.31 -27.37
CA ASN A 50 -14.93 3.70 -27.64
C ASN A 50 -13.45 4.04 -27.52
N ASP A 51 -12.96 4.82 -28.49
CA ASP A 51 -11.60 5.30 -28.46
C ASP A 51 -11.45 6.32 -27.35
N LEU A 52 -10.42 6.13 -26.52
CA LEU A 52 -10.19 7.00 -25.37
C LEU A 52 -9.23 8.15 -25.69
N THR A 53 -8.56 8.06 -26.84
CA THR A 53 -7.68 9.12 -27.32
C THR A 53 -8.40 10.45 -27.27
N ALA A 54 -7.71 11.50 -26.85
CA ALA A 54 -8.36 12.80 -26.74
C ALA A 54 -8.73 13.37 -28.12
N ALA A 55 -9.45 14.48 -28.10
CA ALA A 55 -9.78 15.21 -29.33
C ALA A 55 -8.49 15.58 -30.05
N ASP A 56 -7.59 16.23 -29.32
CA ASP A 56 -6.30 16.65 -29.86
C ASP A 56 -5.40 15.49 -30.29
N GLY A 57 -5.90 14.27 -30.17
CA GLY A 57 -5.15 13.09 -30.59
C GLY A 57 -4.12 12.62 -29.57
N SER A 58 -4.12 13.23 -28.39
CA SER A 58 -3.19 12.84 -27.34
C SER A 58 -3.70 11.61 -26.57
N PHE A 59 -2.74 10.83 -26.07
CA PHE A 59 -3.01 9.73 -25.17
C PHE A 59 -1.83 9.59 -24.22
N PHE A 60 -1.96 10.19 -23.04
CA PHE A 60 -0.88 10.20 -22.04
C PHE A 60 0.36 10.90 -22.58
N ASP A 61 0.19 12.20 -22.82
CA ASP A 61 1.25 13.04 -23.37
C ASP A 61 2.27 13.38 -22.30
N GLY A 62 3.51 12.91 -22.48
CA GLY A 62 4.58 13.17 -21.55
C GLY A 62 4.67 14.61 -21.10
N ALA A 63 4.82 15.51 -22.07
CA ALA A 63 5.00 16.93 -21.76
C ALA A 63 3.87 17.49 -20.90
N ARG A 64 2.64 17.16 -21.25
CA ARG A 64 1.48 17.60 -20.48
C ARG A 64 1.50 17.06 -19.05
N MET A 65 2.02 15.84 -18.89
CA MET A 65 2.09 15.19 -17.58
C MET A 65 3.21 15.74 -16.72
N ARG A 66 4.36 16.04 -17.34
CA ARG A 66 5.47 16.61 -16.59
C ARG A 66 5.07 18.00 -16.09
N ARG A 67 4.17 18.63 -16.81
CA ARG A 67 3.70 19.97 -16.48
C ARG A 67 2.80 19.96 -15.24
N ALA A 68 1.80 19.08 -15.26
CA ALA A 68 0.93 18.88 -14.10
C ALA A 68 1.78 18.42 -12.91
N LEU A 69 2.63 17.44 -13.15
CA LEU A 69 3.56 16.99 -12.14
C LEU A 69 4.20 18.18 -11.40
N ALA A 70 4.89 19.03 -12.15
CA ALA A 70 5.56 20.21 -11.57
C ALA A 70 4.62 21.08 -10.74
N GLU A 71 3.40 21.29 -11.24
CA GLU A 71 2.41 22.09 -10.53
C GLU A 71 2.02 21.44 -9.19
N ALA A 72 1.65 20.17 -9.26
CA ALA A 72 1.22 19.44 -8.07
C ALA A 72 2.37 19.31 -7.10
N LEU A 73 3.60 19.40 -7.61
CA LEU A 73 4.75 19.36 -6.73
C LEU A 73 4.87 20.61 -5.88
N VAL A 74 3.89 21.50 -5.96
CA VAL A 74 3.95 22.76 -5.25
C VAL A 74 3.26 22.67 -3.88
N PRO A 75 1.94 22.45 -3.86
CA PRO A 75 1.32 22.10 -2.57
C PRO A 75 2.01 20.87 -1.94
N PHE A 76 2.13 19.80 -2.71
CA PHE A 76 2.70 18.54 -2.25
C PHE A 76 4.21 18.58 -2.28
N TYR A 77 4.75 19.75 -1.96
CA TYR A 77 6.18 20.03 -2.18
C TYR A 77 7.19 19.09 -1.53
N PRO A 78 6.85 18.49 -0.36
CA PRO A 78 7.81 17.56 0.22
C PRO A 78 7.98 16.26 -0.60
N MET A 79 7.09 16.03 -1.56
CA MET A 79 7.27 14.90 -2.47
C MET A 79 8.57 15.05 -3.23
N ALA A 80 9.04 16.30 -3.33
CA ALA A 80 10.26 16.65 -4.06
C ALA A 80 11.52 16.54 -3.20
N GLY A 81 11.34 16.53 -1.89
CA GLY A 81 12.46 16.51 -0.96
C GLY A 81 13.37 15.30 -1.01
N ARG A 82 14.17 15.15 0.03
CA ARG A 82 15.06 14.00 0.19
C ARG A 82 15.13 13.56 1.67
N LEU A 83 15.61 12.35 1.91
CA LEU A 83 15.69 11.84 3.27
C LEU A 83 16.95 12.32 3.99
N ALA A 84 16.74 12.96 5.14
CA ALA A 84 17.84 13.39 6.00
C ALA A 84 17.60 12.98 7.44
N ARG A 85 18.65 12.54 8.13
CA ARG A 85 18.58 12.34 9.58
C ARG A 85 18.63 13.69 10.29
N ASP A 86 18.65 13.68 11.61
CA ASP A 86 18.63 14.91 12.40
C ASP A 86 19.73 14.91 13.44
N GLU A 87 19.67 15.86 14.36
CA GLU A 87 20.64 15.99 15.44
C GLU A 87 20.65 14.77 16.37
N ASP A 88 19.95 13.71 15.98
CA ASP A 88 19.88 12.47 16.79
C ASP A 88 20.14 11.21 15.96
N GLY A 89 19.69 11.23 14.70
CA GLY A 89 19.73 10.06 13.84
C GLY A 89 18.33 9.75 13.35
N ARG A 90 17.37 10.58 13.75
CA ARG A 90 15.96 10.39 13.43
C ARG A 90 15.64 10.88 12.03
N VAL A 91 15.43 9.94 11.12
CA VAL A 91 15.02 10.25 9.77
C VAL A 91 13.92 11.30 9.73
N GLU A 92 14.15 12.35 8.94
CA GLU A 92 13.12 13.35 8.67
C GLU A 92 13.22 13.72 7.19
N ILE A 93 12.29 14.51 6.69
CA ILE A 93 12.33 14.89 5.28
C ILE A 93 13.02 16.25 5.09
N ASP A 94 13.98 16.29 4.18
CA ASP A 94 14.61 17.55 3.80
C ASP A 94 13.93 18.14 2.56
N CYS A 95 13.01 19.06 2.76
CA CYS A 95 12.34 19.71 1.63
C CYS A 95 13.32 20.64 0.92
N ASN A 96 13.93 20.13 -0.16
CA ASN A 96 14.96 20.86 -0.88
C ASN A 96 14.64 20.96 -2.37
N ALA A 97 13.37 20.81 -2.70
CA ALA A 97 12.90 20.74 -4.09
C ALA A 97 13.89 20.10 -5.07
N ALA A 98 14.59 19.06 -4.63
CA ALA A 98 15.53 18.34 -5.49
C ALA A 98 14.82 17.47 -6.54
N GLY A 99 13.51 17.66 -6.67
CA GLY A 99 12.71 17.03 -7.70
C GLY A 99 12.37 15.55 -7.62
N VAL A 100 11.34 15.18 -8.38
CA VAL A 100 10.94 13.79 -8.55
C VAL A 100 11.36 13.26 -9.93
N LEU A 101 11.63 11.97 -10.02
CA LEU A 101 12.01 11.38 -11.30
C LEU A 101 10.78 11.02 -12.15
N PHE A 102 10.76 11.51 -13.38
CA PHE A 102 9.72 11.13 -14.34
C PHE A 102 10.40 10.58 -15.58
N GLN A 103 9.72 9.71 -16.34
CA GLN A 103 10.38 9.07 -17.47
C GLN A 103 9.47 8.23 -18.35
N GLU A 104 9.63 8.38 -19.66
CA GLU A 104 8.80 7.66 -20.63
C GLU A 104 9.51 6.42 -21.15
N ALA A 105 8.72 5.45 -21.64
CA ALA A 105 9.28 4.18 -22.04
C ALA A 105 8.41 3.53 -23.10
N ASP A 106 8.94 2.52 -23.77
CA ASP A 106 8.22 1.90 -24.89
C ASP A 106 8.23 0.39 -24.82
N ALA A 107 7.04 -0.19 -24.98
CA ALA A 107 6.90 -1.64 -25.12
C ALA A 107 6.34 -1.90 -26.50
N PRO A 108 7.23 -2.02 -27.49
CA PRO A 108 6.87 -2.08 -28.91
C PRO A 108 6.33 -3.43 -29.33
N ASP A 109 6.86 -4.50 -28.73
CA ASP A 109 6.49 -5.86 -29.11
C ASP A 109 5.31 -6.43 -28.33
N ALA A 110 4.92 -5.78 -27.23
CA ALA A 110 3.92 -6.36 -26.32
C ALA A 110 2.75 -5.46 -25.97
N THR A 111 1.56 -6.06 -25.90
CA THR A 111 0.37 -5.41 -25.37
C THR A 111 0.43 -5.44 -23.83
N ILE A 112 -0.47 -4.72 -23.16
CA ILE A 112 -0.51 -4.79 -21.70
C ILE A 112 -0.93 -6.20 -21.24
N ASP A 113 -1.80 -6.83 -22.02
CA ASP A 113 -2.32 -8.15 -21.71
C ASP A 113 -1.23 -9.19 -21.52
N TYR A 114 0.00 -8.80 -21.82
CA TYR A 114 1.14 -9.65 -21.52
C TYR A 114 1.23 -9.95 -20.04
N PHE A 115 0.65 -9.08 -19.22
CA PHE A 115 0.77 -9.21 -17.77
C PHE A 115 -0.35 -10.05 -17.18
N GLY A 116 -1.28 -10.48 -18.05
CA GLY A 116 -2.32 -11.40 -17.69
C GLY A 116 -3.20 -10.90 -16.58
N ASP A 117 -3.08 -11.53 -15.41
CA ASP A 117 -3.88 -11.16 -14.24
C ASP A 117 -3.29 -9.99 -13.44
N PHE A 118 -2.12 -9.51 -13.87
CA PHE A 118 -1.45 -8.39 -13.23
C PHE A 118 -0.91 -8.70 -11.84
N ALA A 119 -0.63 -9.98 -11.59
CA ALA A 119 0.05 -10.36 -10.37
C ALA A 119 1.28 -9.49 -10.22
N PRO A 120 1.55 -9.00 -9.00
CA PRO A 120 2.74 -8.20 -8.71
C PRO A 120 4.01 -9.03 -8.77
N THR A 121 4.19 -9.74 -9.88
CA THR A 121 5.42 -10.48 -10.14
C THR A 121 6.67 -9.60 -10.33
N MET A 122 7.77 -10.26 -10.62
CA MET A 122 9.05 -9.65 -10.95
C MET A 122 8.96 -8.78 -12.20
N GLU A 123 8.31 -9.34 -13.22
CA GLU A 123 8.16 -8.68 -14.52
C GLU A 123 7.44 -7.36 -14.41
N LEU A 124 6.42 -7.31 -13.57
CA LEU A 124 5.59 -6.13 -13.41
C LEU A 124 6.40 -4.98 -12.80
N LYS A 125 7.39 -5.33 -11.99
CA LYS A 125 8.23 -4.37 -11.29
C LYS A 125 9.04 -3.47 -12.24
N ARG A 126 9.25 -3.95 -13.47
CA ARG A 126 10.06 -3.21 -14.42
C ARG A 126 9.33 -1.98 -14.93
N LEU A 127 8.01 -1.93 -14.75
CA LEU A 127 7.22 -0.76 -15.12
C LEU A 127 7.52 0.45 -14.22
N ILE A 128 8.36 0.22 -13.22
CA ILE A 128 8.74 1.22 -12.26
C ILE A 128 10.24 1.47 -12.40
N PRO A 129 10.65 2.75 -12.37
CA PRO A 129 12.07 3.08 -12.50
C PRO A 129 12.84 2.47 -11.33
N THR A 130 13.97 1.85 -11.61
CA THR A 130 14.77 1.25 -10.55
C THR A 130 15.53 2.32 -9.76
N VAL A 131 15.57 2.17 -8.45
CA VAL A 131 16.27 3.13 -7.59
C VAL A 131 17.54 2.50 -7.03
N ASP A 132 18.53 3.34 -6.73
CA ASP A 132 19.71 2.88 -6.02
C ASP A 132 19.54 3.23 -4.55
N PHE A 133 19.38 2.21 -3.73
CA PHE A 133 19.00 2.41 -2.34
C PHE A 133 20.23 2.67 -1.45
N SER A 134 21.42 2.47 -2.00
CA SER A 134 22.66 2.53 -1.23
C SER A 134 22.99 3.90 -0.63
N ASP A 135 22.31 4.94 -1.10
CA ASP A 135 22.43 6.25 -0.48
C ASP A 135 21.06 6.90 -0.34
N ASP A 136 20.39 6.57 0.77
CA ASP A 136 19.01 7.00 0.99
C ASP A 136 18.83 8.52 1.07
N THR A 137 19.94 9.24 1.18
CA THR A 137 19.89 10.70 1.19
C THR A 137 19.93 11.24 -0.23
N ALA A 138 20.26 10.35 -1.18
CA ALA A 138 20.38 10.74 -2.59
C ALA A 138 19.09 10.49 -3.40
N PHE A 139 18.59 9.26 -3.39
CA PHE A 139 17.44 8.93 -4.23
C PHE A 139 16.23 9.83 -4.00
N PRO A 140 15.45 10.07 -5.07
CA PRO A 140 14.24 10.87 -4.97
C PRO A 140 13.12 10.07 -4.27
N LEU A 141 12.20 10.80 -3.64
CA LEU A 141 11.11 10.20 -2.89
C LEU A 141 10.04 9.59 -3.81
N LEU A 142 9.96 10.12 -5.03
CA LEU A 142 8.95 9.70 -6.01
C LEU A 142 9.55 9.48 -7.39
N VAL A 143 9.62 8.22 -7.82
CA VAL A 143 10.02 7.90 -9.20
C VAL A 143 8.78 7.51 -10.00
N LEU A 144 8.76 7.91 -11.27
CA LEU A 144 7.59 7.66 -12.13
C LEU A 144 7.99 7.17 -13.51
N GLN A 145 7.11 6.40 -14.15
CA GLN A 145 7.40 5.93 -15.49
C GLN A 145 6.13 5.59 -16.25
N VAL A 146 5.99 6.20 -17.43
CA VAL A 146 4.82 5.99 -18.26
C VAL A 146 5.26 5.18 -19.47
N THR A 147 4.77 3.94 -19.53
CA THR A 147 5.14 3.03 -20.59
C THR A 147 4.03 2.90 -21.62
N HIS A 148 4.38 3.13 -22.89
CA HIS A 148 3.44 3.01 -24.01
C HIS A 148 3.55 1.65 -24.68
N PHE A 149 2.40 1.04 -24.95
CA PHE A 149 2.36 -0.36 -25.33
C PHE A 149 1.90 -0.64 -26.76
N LYS A 150 2.32 -1.81 -27.26
CA LYS A 150 2.10 -2.24 -28.64
C LYS A 150 0.68 -2.08 -29.20
N CYS A 151 -0.34 -1.93 -28.36
CA CYS A 151 -1.68 -1.72 -28.91
C CYS A 151 -2.39 -0.50 -28.37
N GLY A 152 -1.61 0.51 -28.00
CA GLY A 152 -2.15 1.79 -27.57
C GLY A 152 -2.35 1.87 -26.06
N GLY A 153 -2.07 0.77 -25.38
CA GLY A 153 -2.23 0.70 -23.93
C GLY A 153 -1.10 1.40 -23.19
N VAL A 154 -1.40 1.87 -21.98
CA VAL A 154 -0.44 2.64 -21.17
C VAL A 154 -0.33 2.10 -19.74
N ALA A 155 0.87 2.21 -19.18
CA ALA A 155 1.14 1.76 -17.83
C ALA A 155 1.88 2.82 -17.04
N ILE A 156 1.30 3.31 -15.94
CA ILE A 156 2.04 4.18 -15.02
C ILE A 156 2.58 3.40 -13.83
N GLY A 157 3.91 3.32 -13.73
CA GLY A 157 4.58 2.70 -12.60
C GLY A 157 5.02 3.76 -11.59
N VAL A 158 4.50 3.65 -10.36
CA VAL A 158 4.77 4.61 -9.30
C VAL A 158 5.61 4.01 -8.18
N GLY A 159 6.62 4.76 -7.74
CA GLY A 159 7.51 4.34 -6.66
C GLY A 159 7.62 5.42 -5.59
N MET A 160 6.73 5.38 -4.60
CA MET A 160 6.67 6.44 -3.58
C MET A 160 7.26 5.99 -2.25
N GLN A 161 8.16 6.79 -1.70
CA GLN A 161 8.88 6.37 -0.51
C GLN A 161 7.97 6.41 0.72
N HIS A 162 8.04 5.37 1.55
CA HIS A 162 7.08 5.18 2.65
C HIS A 162 6.97 6.33 3.64
N HIS A 163 8.11 6.88 4.09
CA HIS A 163 8.11 7.97 5.06
C HIS A 163 7.18 9.10 4.66
N VAL A 164 7.01 9.28 3.36
CA VAL A 164 6.35 10.45 2.83
C VAL A 164 4.84 10.41 2.99
N ALA A 165 4.25 9.27 2.66
CA ALA A 165 2.80 9.19 2.63
C ALA A 165 2.36 7.75 2.72
N ASP A 166 1.13 7.52 3.19
CA ASP A 166 0.53 6.20 3.14
C ASP A 166 -0.40 6.15 1.93
N GLY A 167 -1.08 5.02 1.75
CA GLY A 167 -2.00 4.87 0.65
C GLY A 167 -2.96 6.04 0.49
N PHE A 168 -3.42 6.57 1.61
CA PHE A 168 -4.39 7.65 1.56
C PHE A 168 -3.81 8.96 1.03
N SER A 169 -2.64 9.34 1.54
CA SER A 169 -2.00 10.59 1.19
C SER A 169 -1.28 10.44 -0.14
N GLY A 170 -0.67 9.27 -0.34
CA GLY A 170 0.03 8.98 -1.57
C GLY A 170 -0.93 9.04 -2.74
N LEU A 171 -2.15 8.57 -2.53
CA LEU A 171 -3.10 8.52 -3.61
C LEU A 171 -3.71 9.89 -3.75
N HIS A 172 -3.66 10.65 -2.66
CA HIS A 172 -4.12 12.03 -2.72
C HIS A 172 -3.26 12.76 -3.75
N PHE A 173 -1.95 12.59 -3.64
CA PHE A 173 -1.01 13.24 -4.55
C PHE A 173 -1.23 12.78 -5.99
N ILE A 174 -1.08 11.48 -6.22
CA ILE A 174 -1.27 10.93 -7.56
C ILE A 174 -2.61 11.35 -8.16
N ASN A 175 -3.69 11.23 -7.41
CA ASN A 175 -4.99 11.62 -7.92
C ASN A 175 -5.05 13.11 -8.22
N SER A 176 -4.27 13.88 -7.47
CA SER A 176 -4.24 15.33 -7.65
C SER A 176 -3.39 15.68 -8.86
N TRP A 177 -2.29 14.95 -9.02
CA TRP A 177 -1.48 15.01 -10.21
C TRP A 177 -2.33 14.77 -11.46
N ALA A 178 -3.19 13.75 -11.41
CA ALA A 178 -4.06 13.42 -12.53
C ALA A 178 -5.18 14.42 -12.68
N ASP A 179 -5.52 15.12 -11.60
CA ASP A 179 -6.58 16.12 -11.64
C ASP A 179 -6.16 17.35 -12.45
N LEU A 180 -4.96 17.86 -12.13
CA LEU A 180 -4.36 18.96 -12.85
C LEU A 180 -4.17 18.59 -14.33
N CYS A 181 -3.54 17.46 -14.59
CA CYS A 181 -3.27 17.00 -15.96
C CYS A 181 -4.56 16.85 -16.77
N ARG A 182 -5.70 16.93 -16.09
CA ARG A 182 -7.00 16.78 -16.75
C ARG A 182 -7.72 18.13 -16.80
N GLY A 183 -7.11 19.14 -16.18
CA GLY A 183 -7.68 20.47 -16.15
C GLY A 183 -8.74 20.61 -15.08
N VAL A 184 -8.40 20.21 -13.86
CA VAL A 184 -9.27 20.42 -12.72
C VAL A 184 -8.45 20.81 -11.50
N PRO A 185 -8.94 21.80 -10.75
CA PRO A 185 -8.25 22.23 -9.53
C PRO A 185 -8.30 21.18 -8.41
N ILE A 186 -7.21 21.08 -7.67
CA ILE A 186 -7.12 20.21 -6.49
C ILE A 186 -8.24 20.52 -5.49
N ALA A 187 -9.08 19.52 -5.23
CA ALA A 187 -10.24 19.69 -4.36
C ALA A 187 -9.90 19.91 -2.89
N VAL A 188 -8.78 19.31 -2.45
CA VAL A 188 -8.38 19.39 -1.06
C VAL A 188 -6.87 19.57 -0.93
N MET A 189 -6.47 20.60 -0.19
CA MET A 189 -5.05 20.94 -0.12
C MET A 189 -4.33 20.16 0.96
N PRO A 190 -3.18 19.57 0.60
CA PRO A 190 -2.37 18.85 1.59
C PRO A 190 -1.95 19.73 2.77
N PHE A 191 -2.17 19.22 3.97
CA PHE A 191 -1.66 19.80 5.20
C PHE A 191 -0.28 19.19 5.40
N ILE A 192 0.75 20.03 5.41
CA ILE A 192 2.11 19.51 5.36
C ILE A 192 2.67 19.20 6.74
N ASP A 193 2.23 19.96 7.73
CA ASP A 193 2.76 19.82 9.09
C ASP A 193 2.19 18.60 9.82
N ARG A 194 3.07 17.68 10.20
CA ARG A 194 2.71 16.44 10.87
C ARG A 194 2.83 16.59 12.38
N SER A 195 2.32 17.70 12.90
CA SER A 195 2.41 17.98 14.33
C SER A 195 1.33 17.19 15.03
N LEU A 196 0.17 17.11 14.38
CA LEU A 196 -0.97 16.40 14.93
C LEU A 196 -0.67 14.97 15.40
N LEU A 197 0.33 14.31 14.83
CA LEU A 197 0.68 12.95 15.28
C LEU A 197 1.90 12.93 16.21
N ARG A 198 2.02 13.95 17.04
CA ARG A 198 3.13 13.99 17.97
C ARG A 198 2.71 13.35 19.31
N ALA A 199 3.68 12.72 19.98
CA ALA A 199 3.43 12.08 21.26
C ALA A 199 2.94 13.09 22.32
N ARG A 200 2.48 12.56 23.45
CA ARG A 200 2.04 13.42 24.55
C ARG A 200 3.24 13.80 25.40
N ASP A 201 3.13 14.96 26.05
CA ASP A 201 4.22 15.49 26.85
C ASP A 201 3.86 15.47 28.33
N PRO A 202 4.43 14.51 29.09
CA PRO A 202 5.35 13.46 28.64
C PRO A 202 4.64 12.20 28.10
N PRO A 203 5.41 11.27 27.52
CA PRO A 203 4.84 10.02 27.01
C PRO A 203 4.18 9.21 28.12
N ALA A 204 2.95 8.75 27.87
CA ALA A 204 2.25 7.91 28.83
C ALA A 204 1.55 6.75 28.12
N PRO A 205 2.33 5.76 27.66
CA PRO A 205 1.65 4.66 26.99
C PRO A 205 0.94 3.77 28.01
N VAL A 206 -0.25 3.29 27.66
CA VAL A 206 -1.00 2.45 28.56
C VAL A 206 -1.10 1.02 28.03
N TYR A 207 -0.45 0.74 26.89
CA TYR A 207 -0.39 -0.62 26.38
C TYR A 207 1.05 -1.03 26.09
N PRO A 208 1.29 -2.33 25.98
CA PRO A 208 2.66 -2.75 25.68
C PRO A 208 2.88 -2.81 24.17
N HIS A 209 1.82 -2.60 23.40
CA HIS A 209 1.89 -2.59 21.94
C HIS A 209 2.54 -3.81 21.34
N VAL A 210 1.78 -4.88 21.42
CA VAL A 210 2.13 -6.14 20.81
C VAL A 210 2.62 -5.94 19.36
N GLU A 211 2.03 -4.97 18.64
CA GLU A 211 2.38 -4.77 17.22
C GLU A 211 3.86 -4.44 17.00
N TYR A 212 4.46 -3.78 17.98
CA TYR A 212 5.88 -3.45 17.89
C TYR A 212 6.82 -4.49 18.50
N GLN A 213 6.28 -5.59 19.01
CA GLN A 213 7.14 -6.62 19.60
C GLN A 213 7.56 -7.64 18.54
N PRO A 214 8.70 -8.32 18.78
CA PRO A 214 9.24 -9.28 17.80
C PRO A 214 8.23 -10.36 17.39
N ALA A 215 8.01 -10.51 16.08
CA ALA A 215 7.10 -11.53 15.57
C ALA A 215 7.53 -12.90 16.07
N PRO A 216 6.60 -13.88 16.09
CA PRO A 216 6.94 -15.23 16.54
C PRO A 216 7.80 -15.99 15.54
N ALA A 217 8.76 -16.76 16.02
CA ALA A 217 9.60 -17.58 15.14
C ALA A 217 9.06 -19.00 15.10
N MET A 218 9.49 -19.77 14.10
CA MET A 218 9.21 -21.20 14.05
C MET A 218 9.71 -21.87 15.33
N LEU A 219 8.89 -22.71 15.94
CA LEU A 219 9.27 -23.41 17.17
C LEU A 219 10.51 -24.29 16.96
N THR A 234 17.69 -18.57 2.24
CA THR A 234 16.23 -18.42 2.20
C THR A 234 15.64 -18.85 0.85
N PRO A 235 14.54 -19.61 0.89
CA PRO A 235 13.81 -20.15 -0.28
C PRO A 235 13.01 -19.07 -1.01
N PRO A 236 13.43 -18.70 -2.24
CA PRO A 236 12.73 -17.67 -3.03
C PRO A 236 11.19 -17.80 -3.04
N ALA A 237 10.53 -16.66 -3.22
CA ALA A 237 9.10 -16.56 -3.01
C ALA A 237 8.34 -16.43 -4.31
N ALA A 238 7.21 -17.12 -4.40
CA ALA A 238 6.30 -16.96 -5.53
C ALA A 238 5.17 -15.95 -5.23
N VAL A 239 4.67 -15.31 -6.28
CA VAL A 239 3.67 -14.27 -6.13
C VAL A 239 2.49 -14.60 -7.05
N ALA A 240 1.28 -14.36 -6.56
CA ALA A 240 0.08 -14.65 -7.33
C ALA A 240 -1.05 -13.75 -6.87
N ILE A 241 -2.09 -13.69 -7.67
CA ILE A 241 -3.25 -12.91 -7.34
C ILE A 241 -4.48 -13.80 -7.50
N PHE A 242 -5.44 -13.66 -6.60
CA PHE A 242 -6.62 -14.51 -6.57
C PHE A 242 -7.84 -13.63 -6.39
N LYS A 243 -8.79 -13.78 -7.31
CA LYS A 243 -10.00 -13.00 -7.26
C LYS A 243 -11.09 -13.83 -6.58
N LEU A 244 -11.88 -13.19 -5.75
CA LEU A 244 -13.04 -13.82 -5.16
C LEU A 244 -14.25 -12.98 -5.49
N SER A 245 -15.20 -13.57 -6.21
CA SER A 245 -16.40 -12.88 -6.63
C SER A 245 -17.26 -12.49 -5.42
N ARG A 246 -18.24 -11.62 -5.65
CA ARG A 246 -19.11 -11.15 -4.60
C ARG A 246 -19.85 -12.34 -3.97
N ALA A 247 -20.11 -13.35 -4.80
CA ALA A 247 -20.85 -14.54 -4.40
C ALA A 247 -20.03 -15.43 -3.47
N GLU A 248 -18.77 -15.66 -3.84
CA GLU A 248 -17.84 -16.42 -3.01
C GLU A 248 -17.65 -15.76 -1.64
N LEU A 249 -17.44 -14.44 -1.67
CA LEU A 249 -17.34 -13.66 -0.46
C LEU A 249 -18.59 -13.82 0.42
N GLY A 250 -19.75 -13.86 -0.21
CA GLY A 250 -20.99 -14.08 0.52
C GLY A 250 -20.95 -15.40 1.25
N ARG A 251 -20.60 -16.46 0.53
CA ARG A 251 -20.49 -17.80 1.09
C ARG A 251 -19.56 -17.84 2.29
N LEU A 252 -18.33 -17.37 2.06
CA LEU A 252 -17.32 -17.28 3.10
C LEU A 252 -17.93 -16.63 4.35
N ARG A 253 -18.63 -15.54 4.13
CA ARG A 253 -19.25 -14.82 5.21
C ARG A 253 -20.28 -15.70 5.94
N SER A 254 -21.01 -16.51 5.19
CA SER A 254 -22.06 -17.37 5.75
C SER A 254 -21.51 -18.51 6.59
N GLN A 255 -20.21 -18.79 6.41
CA GLN A 255 -19.55 -19.78 7.23
C GLN A 255 -19.31 -19.17 8.60
N VAL A 256 -19.56 -17.87 8.71
CA VAL A 256 -19.43 -17.20 10.00
C VAL A 256 -20.82 -16.94 10.57
N PRO A 257 -21.30 -17.85 11.41
CA PRO A 257 -22.64 -17.72 12.00
C PRO A 257 -22.70 -16.45 12.85
N ALA A 258 -23.53 -15.49 12.46
CA ALA A 258 -23.72 -14.29 13.26
C ALA A 258 -24.45 -14.61 14.56
N ARG A 259 -23.69 -15.01 15.57
CA ARG A 259 -24.23 -15.46 16.86
C ARG A 259 -25.28 -14.50 17.45
N GLU A 260 -26.54 -14.93 17.46
CA GLU A 260 -27.63 -14.12 18.01
C GLU A 260 -27.45 -13.90 19.50
N ARG A 261 -27.43 -15.00 20.25
CA ARG A 261 -27.31 -14.97 21.70
C ARG A 261 -26.12 -14.11 22.23
N GLU A 262 -25.20 -13.72 21.34
CA GLU A 262 -24.04 -12.95 21.78
C GLU A 262 -24.34 -11.46 21.95
N GLY A 263 -24.97 -10.86 20.95
CA GLY A 263 -25.31 -9.44 20.98
C GLY A 263 -24.36 -8.55 20.18
N ALA A 264 -23.14 -9.03 19.96
CA ALA A 264 -22.11 -8.26 19.24
C ALA A 264 -22.40 -8.08 17.75
N PRO A 265 -21.90 -6.97 17.17
CA PRO A 265 -22.12 -6.72 15.73
C PRO A 265 -21.41 -7.75 14.84
N ARG A 266 -21.85 -7.86 13.60
CA ARG A 266 -21.24 -8.82 12.70
C ARG A 266 -19.77 -8.46 12.43
N PHE A 267 -18.98 -9.48 12.10
CA PHE A 267 -17.59 -9.28 11.71
C PHE A 267 -17.53 -8.47 10.44
N SER A 268 -16.55 -7.58 10.31
CA SER A 268 -16.34 -6.90 9.03
C SER A 268 -15.95 -7.91 7.94
N THR A 269 -16.09 -7.49 6.70
CA THR A 269 -15.72 -8.33 5.57
C THR A 269 -14.22 -8.61 5.59
N TYR A 270 -13.45 -7.59 5.96
CA TYR A 270 -12.01 -7.74 6.08
C TYR A 270 -11.63 -8.89 7.04
N ALA A 271 -12.16 -8.84 8.26
CA ALA A 271 -11.90 -9.88 9.28
C ALA A 271 -12.19 -11.27 8.77
N VAL A 272 -13.30 -11.43 8.04
CA VAL A 272 -13.63 -12.70 7.43
C VAL A 272 -12.65 -13.13 6.31
N LEU A 273 -12.34 -12.21 5.40
CA LEU A 273 -11.45 -12.53 4.28
C LEU A 273 -10.05 -12.81 4.81
N ALA A 274 -9.59 -11.92 5.68
CA ALA A 274 -8.29 -12.07 6.33
C ALA A 274 -8.18 -13.39 7.09
N ALA A 275 -9.24 -13.78 7.80
CA ALA A 275 -9.14 -15.01 8.59
C ALA A 275 -9.00 -16.18 7.63
N HIS A 276 -9.73 -16.10 6.51
CA HIS A 276 -9.67 -17.13 5.49
C HIS A 276 -8.27 -17.23 4.85
N VAL A 277 -7.66 -16.08 4.59
CA VAL A 277 -6.31 -16.02 4.05
C VAL A 277 -5.31 -16.51 5.08
N TRP A 278 -5.44 -16.03 6.31
CA TRP A 278 -4.54 -16.48 7.38
C TRP A 278 -4.60 -17.99 7.50
N ARG A 279 -5.80 -18.53 7.37
CA ARG A 279 -6.02 -19.97 7.49
C ARG A 279 -5.40 -20.71 6.32
N CYS A 280 -5.67 -20.24 5.11
CA CYS A 280 -5.12 -20.89 3.92
C CYS A 280 -3.59 -20.86 3.93
N ALA A 281 -3.02 -19.71 4.26
CA ALA A 281 -1.59 -19.56 4.41
C ALA A 281 -0.98 -20.50 5.46
N SER A 282 -1.64 -20.65 6.60
CA SER A 282 -1.14 -21.51 7.67
C SER A 282 -1.22 -22.99 7.28
N LEU A 283 -2.34 -23.38 6.69
CA LEU A 283 -2.45 -24.73 6.16
C LEU A 283 -1.42 -24.96 5.05
N ALA A 284 -1.23 -23.96 4.18
CA ALA A 284 -0.34 -24.08 3.04
C ALA A 284 1.08 -24.29 3.52
N ARG A 285 1.45 -23.60 4.61
CA ARG A 285 2.80 -23.70 5.17
C ARG A 285 3.00 -24.94 6.07
N GLY A 286 1.92 -25.69 6.31
CA GLY A 286 1.97 -26.85 7.18
C GLY A 286 2.34 -26.53 8.62
N LEU A 287 1.83 -25.42 9.15
CA LEU A 287 2.15 -25.07 10.53
C LEU A 287 1.42 -26.05 11.50
N PRO A 288 2.17 -26.66 12.42
CA PRO A 288 1.52 -27.47 13.44
C PRO A 288 0.63 -26.63 14.36
N ALA A 289 -0.30 -27.29 15.05
CA ALA A 289 -1.34 -26.62 15.80
C ALA A 289 -0.87 -25.69 16.92
N ASP A 290 0.32 -25.94 17.44
CA ASP A 290 0.84 -25.16 18.56
C ASP A 290 1.77 -24.01 18.11
N GLN A 291 1.98 -23.89 16.80
CA GLN A 291 2.81 -22.83 16.24
C GLN A 291 2.10 -21.47 16.31
N PRO A 292 2.65 -20.53 17.07
CA PRO A 292 2.01 -19.21 17.11
C PRO A 292 2.23 -18.44 15.79
N THR A 293 1.29 -17.55 15.46
CA THR A 293 1.31 -16.87 14.18
C THR A 293 0.75 -15.50 14.40
N LYS A 294 1.35 -14.51 13.76
CA LYS A 294 0.96 -13.13 13.96
C LYS A 294 0.58 -12.52 12.60
N LEU A 295 -0.57 -11.88 12.54
CA LEU A 295 -1.04 -11.27 11.31
C LEU A 295 -0.96 -9.77 11.47
N TYR A 296 -0.22 -9.11 10.58
CA TYR A 296 -0.10 -7.65 10.61
C TYR A 296 -1.12 -7.01 9.68
N CYS A 297 -1.88 -6.06 10.21
CA CYS A 297 -2.95 -5.40 9.50
CA CYS A 297 -2.91 -5.39 9.46
C CYS A 297 -2.80 -3.89 9.60
N ALA A 298 -2.30 -3.24 8.57
CA ALA A 298 -2.15 -1.79 8.55
C ALA A 298 -3.51 -1.19 8.72
N THR A 299 -3.60 -0.22 9.62
CA THR A 299 -4.87 0.37 9.98
C THR A 299 -4.81 1.88 9.83
N ASP A 300 -5.83 2.45 9.19
CA ASP A 300 -5.88 3.89 9.01
C ASP A 300 -6.43 4.58 10.26
N GLY A 301 -5.55 5.31 10.93
CA GLY A 301 -5.93 6.09 12.08
C GLY A 301 -6.65 7.40 11.82
N ARG A 302 -6.89 7.75 10.56
CA ARG A 302 -7.54 9.04 10.27
C ARG A 302 -8.86 9.23 11.02
N GLN A 303 -9.70 8.19 11.05
CA GLN A 303 -10.95 8.27 11.80
C GLN A 303 -10.99 7.39 13.06
N ARG A 304 -9.82 6.88 13.46
CA ARG A 304 -9.70 6.25 14.77
C ARG A 304 -9.44 7.34 15.82
N LEU A 305 -8.51 8.25 15.48
CA LEU A 305 -8.11 9.35 16.36
C LEU A 305 -9.24 10.36 16.59
N GLN A 306 -9.27 10.94 17.79
CA GLN A 306 -10.24 11.96 18.16
C GLN A 306 -9.51 13.20 18.74
N PRO A 307 -9.81 14.39 18.22
CA PRO A 307 -10.72 14.61 17.08
C PRO A 307 -10.12 14.10 15.78
N PRO A 308 -10.97 13.89 14.76
CA PRO A 308 -10.48 13.39 13.47
C PRO A 308 -9.38 14.29 12.94
N LEU A 309 -8.44 13.70 12.23
CA LEU A 309 -7.44 14.47 11.53
C LEU A 309 -8.11 15.31 10.45
N PRO A 310 -7.52 16.47 10.13
CA PRO A 310 -8.10 17.33 9.10
C PRO A 310 -7.87 16.67 7.76
N GLU A 311 -8.88 16.72 6.89
CA GLU A 311 -8.71 16.17 5.55
C GLU A 311 -7.49 16.80 4.90
N GLY A 312 -6.80 16.04 4.07
CA GLY A 312 -5.61 16.56 3.43
C GLY A 312 -4.36 16.34 4.25
N TYR A 313 -4.52 15.93 5.51
CA TYR A 313 -3.34 15.62 6.32
C TYR A 313 -2.39 14.75 5.50
N PHE A 314 -1.12 15.12 5.48
CA PHE A 314 -0.21 14.52 4.53
C PHE A 314 0.93 13.74 5.17
N GLY A 315 0.88 12.42 5.02
CA GLY A 315 1.87 11.53 5.61
C GLY A 315 1.22 10.23 5.99
N ASN A 316 1.91 9.42 6.79
CA ASN A 316 1.34 8.16 7.29
C ASN A 316 0.51 8.30 8.55
N VAL A 317 -0.73 7.82 8.49
CA VAL A 317 -1.53 7.65 9.70
C VAL A 317 -1.78 6.16 9.85
N ILE A 318 -0.72 5.39 9.77
CA ILE A 318 -0.89 3.95 9.80
C ILE A 318 -0.49 3.40 11.16
N PHE A 319 -1.48 2.84 11.83
CA PHE A 319 -1.23 2.08 13.03
C PHE A 319 -1.43 0.62 12.69
N THR A 320 -0.98 -0.26 13.56
CA THR A 320 -0.89 -1.66 13.20
C THR A 320 -1.63 -2.58 14.15
N ALA A 321 -2.61 -3.30 13.63
CA ALA A 321 -3.32 -4.30 14.40
C ALA A 321 -2.68 -5.66 14.17
N THR A 322 -2.25 -6.33 15.24
CA THR A 322 -1.62 -7.62 15.10
C THR A 322 -2.32 -8.78 15.88
N PRO A 323 -3.46 -9.24 15.36
CA PRO A 323 -4.03 -10.50 15.86
C PRO A 323 -2.96 -11.57 15.98
N LEU A 324 -2.94 -12.26 17.11
CA LEU A 324 -1.92 -13.28 17.35
C LEU A 324 -2.61 -14.53 17.95
N ALA A 325 -2.38 -15.70 17.35
CA ALA A 325 -2.98 -16.92 17.86
C ALA A 325 -2.14 -18.12 17.47
N ASN A 326 -2.49 -19.28 18.00
CA ASN A 326 -1.86 -20.53 17.57
C ASN A 326 -2.44 -20.93 16.24
N ALA A 327 -1.66 -21.63 15.44
CA ALA A 327 -2.17 -22.04 14.15
C ALA A 327 -3.45 -22.86 14.32
N GLY A 328 -3.49 -23.70 15.35
CA GLY A 328 -4.63 -24.56 15.61
C GLY A 328 -5.94 -23.79 15.66
N THR A 329 -5.93 -22.65 16.33
CA THR A 329 -7.09 -21.78 16.38
C THR A 329 -7.46 -21.24 14.97
N VAL A 330 -6.46 -20.68 14.30
CA VAL A 330 -6.59 -20.09 12.96
C VAL A 330 -7.06 -21.07 11.87
N THR A 331 -6.48 -22.27 11.85
CA THR A 331 -6.84 -23.26 10.83
C THR A 331 -8.09 -24.11 11.16
N ALA A 332 -8.62 -23.98 12.37
CA ALA A 332 -9.80 -24.72 12.80
C ALA A 332 -11.06 -24.19 12.13
N GLY A 333 -11.03 -22.93 11.72
CA GLY A 333 -12.12 -22.41 10.92
C GLY A 333 -12.06 -20.91 10.84
N VAL A 334 -12.83 -20.37 9.90
CA VAL A 334 -12.85 -18.95 9.62
C VAL A 334 -13.44 -18.16 10.77
N ALA A 335 -14.53 -18.70 11.34
CA ALA A 335 -15.17 -18.10 12.50
C ALA A 335 -14.19 -17.80 13.63
N GLU A 336 -13.34 -18.76 13.96
CA GLU A 336 -12.42 -18.57 15.07
C GLU A 336 -11.27 -17.62 14.75
N GLY A 337 -10.77 -17.66 13.53
CA GLY A 337 -9.80 -16.66 13.10
C GLY A 337 -10.39 -15.25 13.01
N ALA A 338 -11.62 -15.14 12.53
CA ALA A 338 -12.19 -13.80 12.34
C ALA A 338 -12.44 -13.08 13.66
N ALA A 339 -12.81 -13.83 14.70
CA ALA A 339 -13.01 -13.27 16.02
C ALA A 339 -11.70 -12.70 16.57
N VAL A 340 -10.63 -13.48 16.48
CA VAL A 340 -9.31 -13.01 16.88
C VAL A 340 -8.92 -11.73 16.14
N ILE A 341 -9.12 -11.71 14.82
CA ILE A 341 -8.81 -10.53 14.00
C ILE A 341 -9.71 -9.36 14.36
N GLN A 342 -11.01 -9.59 14.35
CA GLN A 342 -11.95 -8.51 14.68
C GLN A 342 -11.72 -7.89 16.06
N ALA A 343 -11.28 -8.69 17.04
CA ALA A 343 -10.99 -8.12 18.36
C ALA A 343 -9.75 -7.23 18.30
N ALA A 344 -8.75 -7.69 17.56
CA ALA A 344 -7.52 -6.94 17.34
C ALA A 344 -7.81 -5.59 16.70
N LEU A 345 -8.68 -5.58 15.69
CA LEU A 345 -9.13 -4.34 15.04
C LEU A 345 -9.95 -3.41 15.95
N ASP A 346 -10.89 -3.99 16.70
CA ASP A 346 -11.80 -3.16 17.52
C ASP A 346 -11.03 -2.43 18.60
N ARG A 347 -9.95 -3.06 19.02
CA ARG A 347 -9.00 -2.51 19.98
C ARG A 347 -8.23 -1.24 19.51
N MET A 348 -8.24 -0.93 18.20
CA MET A 348 -7.56 0.29 17.71
C MET A 348 -8.42 1.57 17.82
N ASP A 349 -8.63 2.07 19.03
CA ASP A 349 -9.41 3.29 19.21
C ASP A 349 -8.48 4.48 19.46
N ASP A 350 -9.08 5.64 19.72
CA ASP A 350 -8.25 6.82 20.00
C ASP A 350 -7.19 6.54 21.06
N GLY A 351 -7.60 5.94 22.18
CA GLY A 351 -6.68 5.65 23.27
C GLY A 351 -5.51 4.76 22.87
N TYR A 352 -5.79 3.71 22.12
CA TYR A 352 -4.73 2.80 21.71
C TYR A 352 -3.76 3.46 20.73
N CYS A 353 -4.30 4.20 19.77
CA CYS A 353 -3.47 4.85 18.77
C CYS A 353 -2.55 5.90 19.41
N ARG A 354 -3.14 6.80 20.20
CA ARG A 354 -2.35 7.81 20.91
C ARG A 354 -1.29 7.18 21.82
N SER A 355 -1.64 6.06 22.42
CA SER A 355 -0.69 5.36 23.25
C SER A 355 0.48 4.80 22.42
N ALA A 356 0.20 4.39 21.19
CA ALA A 356 1.27 3.91 20.28
C ALA A 356 2.24 5.03 19.91
N LEU A 357 1.70 6.22 19.72
CA LEU A 357 2.54 7.41 19.53
C LEU A 357 3.53 7.54 20.70
N ASP A 358 3.00 7.50 21.93
CA ASP A 358 3.85 7.65 23.11
C ASP A 358 4.90 6.57 23.18
N TYR A 359 4.51 5.37 22.79
CA TYR A 359 5.40 4.23 22.91
C TYR A 359 6.60 4.31 21.97
N LEU A 360 6.38 4.81 20.77
CA LEU A 360 7.44 4.94 19.77
C LEU A 360 8.38 6.07 20.17
N GLU A 361 7.82 7.10 20.79
CA GLU A 361 8.59 8.22 21.31
C GLU A 361 9.56 7.82 22.42
N LEU A 362 9.46 6.58 22.91
CA LEU A 362 10.34 6.09 23.98
C LEU A 362 11.48 5.22 23.51
N GLN A 363 11.29 4.48 22.41
CA GLN A 363 12.39 3.71 21.87
C GLN A 363 13.52 4.65 21.44
N PRO A 364 14.77 4.18 21.57
CA PRO A 364 15.98 4.86 21.08
C PRO A 364 16.02 4.92 19.55
N ASP A 365 16.29 3.78 18.91
CA ASP A 365 16.31 3.70 17.45
C ASP A 365 15.04 3.05 16.88
N LEU A 366 14.20 3.87 16.27
CA LEU A 366 12.98 3.38 15.62
C LEU A 366 13.26 2.51 14.41
N SER A 367 14.44 2.68 13.82
CA SER A 367 14.79 1.91 12.63
C SER A 367 15.02 0.44 12.99
N ALA A 368 14.85 0.10 14.26
CA ALA A 368 14.85 -1.29 14.68
C ALA A 368 13.41 -1.85 14.67
N LEU A 369 12.43 -0.95 14.67
CA LEU A 369 11.02 -1.31 14.63
C LEU A 369 10.45 -1.26 13.21
N VAL A 370 11.27 -0.86 12.24
CA VAL A 370 10.85 -0.84 10.85
C VAL A 370 10.35 -2.22 10.42
N ARG A 371 9.20 -2.27 9.77
CA ARG A 371 8.66 -3.57 9.34
C ARG A 371 9.32 -4.04 8.05
N GLY A 372 9.79 -5.29 8.05
CA GLY A 372 10.55 -5.79 6.92
C GLY A 372 10.33 -7.26 6.72
N ALA A 373 11.30 -7.93 6.10
CA ALA A 373 11.15 -9.35 5.81
C ALA A 373 10.97 -10.17 7.08
N HIS A 374 11.67 -9.78 8.14
CA HIS A 374 11.56 -10.51 9.40
C HIS A 374 10.13 -10.42 9.95
N THR A 375 9.47 -9.29 9.70
CA THR A 375 8.11 -9.09 10.16
C THR A 375 7.12 -10.09 9.54
N PHE A 376 7.13 -10.20 8.22
CA PHE A 376 6.04 -10.86 7.51
C PHE A 376 6.28 -12.32 7.15
N ARG A 377 7.52 -12.76 7.23
CA ARG A 377 7.82 -14.11 6.76
C ARG A 377 7.16 -15.21 7.63
N CYS A 378 7.09 -16.40 7.06
CA CYS A 378 6.58 -17.58 7.72
C CYS A 378 7.25 -17.65 9.09
N PRO A 379 6.45 -17.88 10.16
CA PRO A 379 5.03 -18.27 10.16
C PRO A 379 4.01 -17.11 10.17
N ASN A 380 4.49 -15.88 10.04
CA ASN A 380 3.63 -14.72 10.16
C ASN A 380 3.14 -14.21 8.82
N LEU A 381 2.48 -13.05 8.81
CA LEU A 381 1.77 -12.64 7.63
C LEU A 381 1.39 -11.20 7.75
N GLY A 382 1.32 -10.52 6.61
CA GLY A 382 0.76 -9.20 6.55
C GLY A 382 -0.38 -9.19 5.54
N LEU A 383 -1.42 -8.42 5.81
CA LEU A 383 -2.51 -8.31 4.86
C LEU A 383 -2.95 -6.89 4.82
N THR A 384 -2.61 -6.20 3.75
CA THR A 384 -2.86 -4.76 3.67
C THR A 384 -4.02 -4.57 2.75
N SER A 385 -5.01 -3.83 3.22
CA SER A 385 -6.20 -3.63 2.43
C SER A 385 -6.17 -2.30 1.72
N TRP A 386 -6.37 -2.34 0.40
CA TRP A 386 -6.51 -1.11 -0.37
C TRP A 386 -7.97 -0.91 -0.74
N VAL A 387 -8.81 -1.82 -0.23
CA VAL A 387 -10.24 -1.81 -0.56
C VAL A 387 -10.90 -0.44 -0.42
N ARG A 388 -10.44 0.34 0.54
CA ARG A 388 -11.02 1.66 0.77
C ARG A 388 -10.29 2.79 0.05
N LEU A 389 -9.13 2.49 -0.52
CA LEU A 389 -8.32 3.50 -1.20
C LEU A 389 -8.83 3.76 -2.61
N PRO A 390 -8.82 5.04 -3.03
CA PRO A 390 -9.25 5.44 -4.38
C PRO A 390 -8.16 5.13 -5.40
N ILE A 391 -7.91 3.85 -5.62
CA ILE A 391 -6.82 3.42 -6.49
C ILE A 391 -7.20 3.48 -7.96
N HIS A 392 -8.47 3.74 -8.25
CA HIS A 392 -8.96 3.74 -9.62
C HIS A 392 -9.46 5.12 -10.01
N ASP A 393 -9.03 6.13 -9.26
CA ASP A 393 -9.53 7.48 -9.49
C ASP A 393 -8.62 8.28 -10.41
N ALA A 394 -7.41 7.79 -10.62
CA ALA A 394 -6.41 8.50 -11.41
C ALA A 394 -6.81 8.66 -12.88
N ASP A 395 -7.69 9.62 -13.15
CA ASP A 395 -8.04 9.98 -14.53
C ASP A 395 -7.25 11.23 -14.98
N PHE A 396 -6.18 11.02 -15.75
CA PHE A 396 -5.35 12.10 -16.25
C PHE A 396 -5.93 12.91 -17.44
N GLY A 397 -7.08 12.48 -17.94
CA GLY A 397 -7.68 13.11 -19.10
C GLY A 397 -8.02 12.09 -20.18
N TRP A 398 -7.42 10.91 -20.08
CA TRP A 398 -7.67 9.82 -21.02
C TRP A 398 -8.39 8.60 -20.39
N GLY A 399 -9.11 8.80 -19.30
CA GLY A 399 -9.92 7.74 -18.72
C GLY A 399 -9.37 7.03 -17.48
N ARG A 400 -10.27 6.35 -16.76
CA ARG A 400 -9.91 5.65 -15.54
C ARG A 400 -9.15 4.36 -15.84
N PRO A 401 -8.21 4.03 -14.97
CA PRO A 401 -7.43 2.84 -15.31
C PRO A 401 -8.30 1.57 -15.24
N VAL A 402 -7.83 0.49 -15.85
CA VAL A 402 -8.55 -0.78 -15.81
C VAL A 402 -8.01 -1.66 -14.68
N PHE A 403 -6.86 -1.30 -14.12
CA PHE A 403 -6.28 -2.02 -12.99
C PHE A 403 -5.23 -1.17 -12.32
N MET A 404 -5.15 -1.28 -11.00
CA MET A 404 -4.00 -0.80 -10.26
C MET A 404 -3.77 -1.72 -9.06
N GLY A 405 -2.51 -2.00 -8.77
CA GLY A 405 -2.17 -2.81 -7.64
C GLY A 405 -0.68 -2.69 -7.41
N PRO A 406 -0.16 -3.42 -6.42
CA PRO A 406 1.27 -3.38 -6.10
C PRO A 406 2.11 -3.83 -7.30
N GLY A 407 3.24 -3.15 -7.51
CA GLY A 407 4.09 -3.43 -8.65
C GLY A 407 5.01 -4.59 -8.35
N GLY A 408 5.11 -4.90 -7.07
CA GLY A 408 5.81 -6.07 -6.62
C GLY A 408 5.49 -6.24 -5.16
N ILE A 409 5.83 -7.40 -4.61
CA ILE A 409 5.72 -7.61 -3.18
C ILE A 409 7.10 -7.96 -2.67
N ALA A 410 7.65 -7.07 -1.86
CA ALA A 410 9.04 -7.18 -1.42
C ALA A 410 9.31 -8.45 -0.61
N TYR A 411 8.37 -8.80 0.26
CA TYR A 411 8.60 -9.81 1.28
C TYR A 411 7.68 -11.01 1.20
N GLU A 412 8.25 -12.21 1.34
CA GLU A 412 7.44 -13.40 1.58
C GLU A 412 6.53 -13.13 2.78
N GLY A 413 5.27 -13.52 2.66
CA GLY A 413 4.31 -13.36 3.73
C GLY A 413 3.47 -12.11 3.67
N LEU A 414 3.71 -11.26 2.68
CA LEU A 414 2.95 -10.01 2.60
C LEU A 414 1.86 -10.15 1.52
N ALA A 415 0.70 -9.60 1.79
CA ALA A 415 -0.41 -9.74 0.86
C ALA A 415 -1.18 -8.43 0.85
N PHE A 416 -1.99 -8.23 -0.19
CA PHE A 416 -2.77 -7.02 -0.29
C PHE A 416 -4.20 -7.40 -0.66
N VAL A 417 -5.18 -6.68 -0.17
CA VAL A 417 -6.53 -6.88 -0.67
C VAL A 417 -6.89 -5.73 -1.60
N LEU A 418 -7.45 -6.05 -2.76
CA LEU A 418 -7.68 -5.05 -3.79
C LEU A 418 -9.13 -4.98 -4.20
N PRO A 419 -9.66 -3.77 -4.30
CA PRO A 419 -11.04 -3.59 -4.74
C PRO A 419 -11.12 -3.87 -6.23
N SER A 420 -12.29 -4.28 -6.70
CA SER A 420 -12.47 -4.54 -8.12
C SER A 420 -12.43 -3.24 -8.92
N ALA A 421 -11.77 -3.29 -10.07
CA ALA A 421 -11.69 -2.13 -10.95
C ALA A 421 -13.05 -1.82 -11.58
N ASN A 422 -13.87 -2.84 -11.75
CA ASN A 422 -15.13 -2.69 -12.49
C ASN A 422 -16.38 -2.81 -11.65
N ARG A 423 -16.34 -2.32 -10.41
CA ARG A 423 -17.52 -2.29 -9.56
C ARG A 423 -18.35 -3.58 -9.55
N ASP A 424 -17.73 -4.73 -9.74
CA ASP A 424 -18.47 -6.00 -9.76
C ASP A 424 -18.63 -6.66 -8.37
N GLY A 425 -18.05 -6.04 -7.34
CA GLY A 425 -18.18 -6.54 -5.98
C GLY A 425 -17.20 -7.63 -5.59
N SER A 426 -16.30 -7.98 -6.50
CA SER A 426 -15.26 -8.95 -6.25
C SER A 426 -14.09 -8.30 -5.52
N LEU A 427 -13.25 -9.13 -4.91
CA LEU A 427 -12.04 -8.67 -4.25
C LEU A 427 -10.92 -9.59 -4.65
N SER A 428 -9.71 -9.05 -4.72
CA SER A 428 -8.57 -9.85 -5.14
C SER A 428 -7.54 -9.86 -4.04
N VAL A 429 -6.88 -11.00 -3.91
CA VAL A 429 -5.83 -11.10 -2.93
C VAL A 429 -4.53 -11.36 -3.67
N ALA A 430 -3.58 -10.46 -3.46
CA ALA A 430 -2.27 -10.57 -4.09
C ALA A 430 -1.30 -10.86 -2.97
N ILE A 431 -0.53 -11.94 -3.13
CA ILE A 431 0.23 -12.43 -2.02
C ILE A 431 1.50 -13.15 -2.45
N SER A 432 2.54 -12.96 -1.65
CA SER A 432 3.81 -13.66 -1.81
C SER A 432 4.01 -14.70 -0.71
N LEU A 433 4.28 -15.94 -1.12
CA LEU A 433 4.64 -17.05 -0.22
C LEU A 433 5.86 -17.78 -0.75
N GLN A 434 6.51 -18.60 0.09
CA GLN A 434 7.49 -19.55 -0.38
C GLN A 434 6.89 -20.41 -1.50
N ALA A 435 7.69 -20.75 -2.50
CA ALA A 435 7.14 -21.36 -3.71
C ALA A 435 6.35 -22.64 -3.42
N GLU A 436 6.90 -23.52 -2.59
CA GLU A 436 6.18 -24.75 -2.31
C GLU A 436 4.85 -24.50 -1.56
N HIS A 437 4.83 -23.45 -0.76
CA HIS A 437 3.63 -23.08 -0.03
C HIS A 437 2.59 -22.52 -0.98
N MET A 438 3.03 -21.72 -1.96
CA MET A 438 2.11 -21.14 -2.93
C MET A 438 1.34 -22.20 -3.72
N GLU A 439 2.04 -23.28 -4.05
CA GLU A 439 1.43 -24.37 -4.81
C GLU A 439 0.21 -24.92 -4.04
N LYS A 440 0.42 -25.27 -2.77
CA LYS A 440 -0.67 -25.65 -1.87
C LYS A 440 -1.73 -24.55 -1.76
N PHE A 441 -1.30 -23.33 -1.45
CA PHE A 441 -2.22 -22.21 -1.25
C PHE A 441 -3.22 -22.01 -2.39
N ARG A 442 -2.79 -22.26 -3.63
CA ARG A 442 -3.66 -22.13 -4.81
C ARG A 442 -4.85 -23.07 -4.73
N LYS A 443 -4.59 -24.26 -4.18
CA LYS A 443 -5.64 -25.27 -4.02
C LYS A 443 -6.52 -25.05 -2.78
N LEU A 444 -6.11 -24.17 -1.87
CA LEU A 444 -6.81 -23.99 -0.60
C LEU A 444 -7.73 -22.79 -0.64
N ILE A 445 -7.23 -21.74 -1.28
CA ILE A 445 -7.87 -20.45 -1.24
C ILE A 445 -9.33 -20.48 -1.78
N TYR A 446 -9.64 -21.41 -2.68
CA TYR A 446 -11.03 -21.56 -3.15
C TYR A 446 -11.74 -22.82 -2.60
N ASP A 447 -11.12 -23.50 -1.65
CA ASP A 447 -11.59 -24.80 -1.19
C ASP A 447 -12.54 -24.63 -0.01
N PHE A 448 -13.76 -24.19 -0.27
CA PHE A 448 -14.71 -23.87 0.80
C PHE A 448 -16.16 -23.88 0.29
#